data_4ABH
#
_entry.id   4ABH
#
_cell.length_a   54.641
_cell.length_b   58.811
_cell.length_c   66.494
_cell.angle_alpha   90.00
_cell.angle_beta   90.00
_cell.angle_gamma   90.00
#
_symmetry.space_group_name_H-M   'P 21 21 21'
#
loop_
_entity.id
_entity.type
_entity.pdbx_description
1 polymer 'CATIONIC TRYPSIN'
2 non-polymer 'SULFATE ION'
3 non-polymer 'CALCIUM ION'
4 non-polymer 1,2-ETHANEDIOL
5 non-polymer 'DIMETHYL SULFOXIDE'
6 non-polymer 1-(3-PYRROLIDIN-1-YLPHENYL)METHANAMINE
7 water water
#
_entity_poly.entity_id   1
_entity_poly.type   'polypeptide(L)'
_entity_poly.pdbx_seq_one_letter_code
;IVGGYTCGANTVPYQVSLNSGYHFCGGSLINSQWVVSAAHCYKSGIQVRLGEDNINVVEGNEQFISASKSIVHPSYNSNT
LNNDIMLIKLKSAASLNSRVASISLPTSCASAGTQCLISGWGNTKSSGTSYPDVLKCLKAPILSDSSCKSAYPGQITSNM
FCAGYLEGGKDSCQGDSGGPVVCSGKLQGIVSWGSGCAQKNKPGVYTKVCNYVSWIKQTIASN
;
_entity_poly.pdbx_strand_id   A
#
loop_
_chem_comp.id
_chem_comp.type
_chem_comp.name
_chem_comp.formula
7Z3 non-polymer 1-(3-PYRROLIDIN-1-YLPHENYL)METHANAMINE 'C11 H16 N2'
CA non-polymer 'CALCIUM ION' 'Ca 2'
DMS non-polymer 'DIMETHYL SULFOXIDE' 'C2 H6 O S'
EDO non-polymer 1,2-ETHANEDIOL 'C2 H6 O2'
SO4 non-polymer 'SULFATE ION' 'O4 S -2'
#
# COMPACT_ATOMS: atom_id res chain seq x y z
N ILE A 1 -3.28 -8.54 6.63
CA ILE A 1 -4.72 -8.12 6.73
C ILE A 1 -5.38 -9.00 7.79
N VAL A 2 -5.95 -8.35 8.79
CA VAL A 2 -6.75 -9.04 9.83
C VAL A 2 -8.22 -8.92 9.50
N GLY A 3 -8.93 -10.06 9.55
CA GLY A 3 -10.38 -9.99 9.40
C GLY A 3 -10.84 -9.74 7.98
N GLY A 4 -9.95 -10.06 7.01
CA GLY A 4 -10.25 -9.95 5.56
C GLY A 4 -10.71 -11.23 4.92
N TYR A 5 -10.50 -11.35 3.65
CA TYR A 5 -10.95 -12.48 2.87
C TYR A 5 -9.84 -12.80 1.84
N THR A 6 -9.83 -14.01 1.39
CA THR A 6 -8.96 -14.36 0.24
C THR A 6 -9.36 -13.62 -0.99
N CYS A 7 -8.50 -12.78 -1.60
CA CYS A 7 -8.95 -11.96 -2.74
C CYS A 7 -9.38 -12.84 -3.90
N GLY A 8 -8.62 -13.91 -4.17
CA GLY A 8 -8.71 -14.65 -5.44
C GLY A 8 -7.49 -14.31 -6.29
N ALA A 9 -6.96 -15.29 -6.99
CA ALA A 9 -5.68 -15.13 -7.65
C ALA A 9 -5.76 -14.08 -8.73
N ASN A 10 -4.85 -13.07 -8.65
CA ASN A 10 -4.74 -12.06 -9.70
C ASN A 10 -5.96 -11.20 -9.85
N THR A 11 -6.79 -11.10 -8.81
CA THR A 11 -7.96 -10.22 -8.86
C THR A 11 -7.58 -8.81 -8.49
N VAL A 12 -6.36 -8.56 -8.00
CA VAL A 12 -5.86 -7.26 -7.57
C VAL A 12 -4.60 -6.98 -8.40
N PRO A 13 -4.74 -6.70 -9.71
CA PRO A 13 -3.64 -6.93 -10.64
C PRO A 13 -2.50 -5.88 -10.50
N TYR A 14 -2.77 -4.78 -9.77
CA TYR A 14 -1.78 -3.74 -9.49
C TYR A 14 -0.98 -4.07 -8.22
N GLN A 15 -1.40 -5.06 -7.42
CA GLN A 15 -0.67 -5.35 -6.17
C GLN A 15 0.66 -5.99 -6.50
N VAL A 16 1.76 -5.43 -6.00
N VAL A 16 1.70 -5.44 -5.87
CA VAL A 16 3.04 -6.16 -6.12
CA VAL A 16 3.06 -6.01 -5.97
C VAL A 16 3.51 -6.52 -4.69
C VAL A 16 3.49 -6.52 -4.61
N SER A 17 4.45 -7.46 -4.66
CA SER A 17 5.22 -7.87 -3.49
C SER A 17 6.64 -7.36 -3.67
N LEU A 18 7.20 -6.64 -2.70
CA LEU A 18 8.59 -6.31 -2.69
C LEU A 18 9.39 -7.38 -2.00
N ASN A 19 10.40 -7.91 -2.68
CA ASN A 19 11.11 -9.09 -2.22
C ASN A 19 12.57 -8.78 -2.11
N SER A 20 13.18 -9.13 -0.94
CA SER A 20 14.64 -9.00 -0.77
C SER A 20 15.21 -10.36 -0.26
N GLY A 21 14.75 -11.44 -0.87
CA GLY A 21 14.99 -12.79 -0.33
C GLY A 21 13.73 -13.42 0.24
N TYR A 22 12.71 -12.56 0.43
N TYR A 22 12.68 -12.60 0.44
CA TYR A 22 11.46 -12.82 1.10
CA TYR A 22 11.44 -12.88 1.14
C TYR A 22 10.58 -11.60 0.85
C TYR A 22 10.57 -11.64 0.89
N HIS A 23 9.24 -11.84 0.95
CA HIS A 23 8.29 -10.68 0.92
C HIS A 23 8.55 -9.82 2.14
N PHE A 24 8.62 -8.49 1.95
CA PHE A 24 8.69 -7.62 3.09
C PHE A 24 7.76 -6.41 3.07
N CYS A 25 7.15 -6.09 1.93
CA CYS A 25 6.22 -4.92 1.82
C CYS A 25 5.43 -5.11 0.56
N GLY A 26 4.26 -4.45 0.54
CA GLY A 26 3.50 -4.35 -0.70
C GLY A 26 3.91 -3.10 -1.46
N GLY A 27 3.30 -2.99 -2.65
CA GLY A 27 3.42 -1.79 -3.50
C GLY A 27 2.30 -1.84 -4.50
N SER A 28 2.22 -0.81 -5.31
CA SER A 28 1.14 -0.66 -6.34
C SER A 28 1.80 -0.26 -7.66
N LEU A 29 1.49 -1.02 -8.74
CA LEU A 29 2.01 -0.69 -10.07
C LEU A 29 1.21 0.51 -10.60
N ILE A 30 1.95 1.55 -10.98
CA ILE A 30 1.23 2.74 -11.53
C ILE A 30 1.55 2.98 -13.00
N ASN A 31 2.50 2.33 -13.59
CA ASN A 31 2.67 2.27 -15.09
C ASN A 31 3.58 1.14 -15.34
N SER A 32 3.98 0.87 -16.57
CA SER A 32 4.78 -0.31 -16.83
C SER A 32 6.17 -0.30 -16.19
N GLN A 33 6.72 0.88 -15.82
N GLN A 33 6.56 0.84 -15.73
CA GLN A 33 8.10 1.04 -15.23
CA GLN A 33 7.88 0.79 -15.18
C GLN A 33 8.10 1.37 -13.73
C GLN A 33 8.08 1.37 -13.75
N TRP A 34 6.97 1.71 -13.10
CA TRP A 34 7.01 2.36 -11.79
C TRP A 34 6.02 1.78 -10.84
N VAL A 35 6.51 1.65 -9.59
CA VAL A 35 5.73 1.19 -8.46
C VAL A 35 5.75 2.27 -7.38
N VAL A 36 4.58 2.46 -6.70
N VAL A 36 4.63 2.44 -6.68
N VAL A 36 4.64 2.43 -6.67
CA VAL A 36 4.29 3.35 -5.49
CA VAL A 36 4.65 3.31 -5.53
CA VAL A 36 4.63 3.31 -5.53
C VAL A 36 4.41 2.43 -4.27
C VAL A 36 4.43 2.45 -4.28
C VAL A 36 4.42 2.46 -4.27
N SER A 37 5.19 2.81 -3.24
CA SER A 37 5.14 2.08 -1.96
C SER A 37 5.33 3.12 -0.86
N ALA A 38 5.55 2.57 0.39
CA ALA A 38 5.79 3.43 1.54
C ALA A 38 7.29 3.70 1.63
N ALA A 39 7.66 4.93 1.99
CA ALA A 39 9.09 5.25 2.23
C ALA A 39 9.64 4.38 3.36
N HIS A 40 8.84 3.97 4.37
CA HIS A 40 9.44 3.15 5.45
C HIS A 40 9.75 1.73 4.95
N CYS A 41 9.35 1.36 3.75
CA CYS A 41 9.75 0.10 3.13
C CYS A 41 11.07 0.24 2.35
N TYR A 42 11.72 1.41 2.30
N TYR A 42 11.73 1.39 2.35
CA TYR A 42 12.98 1.55 1.53
CA TYR A 42 12.96 1.53 1.58
C TYR A 42 14.02 0.54 2.03
C TYR A 42 14.00 0.52 2.13
N LYS A 43 14.67 -0.07 1.04
N LYS A 43 14.62 -0.09 1.13
CA LYS A 43 15.97 -0.78 1.19
CA LYS A 43 15.86 -0.87 1.27
C LYS A 43 16.53 -0.91 -0.16
C LYS A 43 16.51 -0.99 -0.12
N SER A 44 17.83 -1.25 -0.15
CA SER A 44 18.50 -1.59 -1.45
C SER A 44 18.20 -3.14 -1.73
N GLY A 45 18.42 -3.40 -3.01
CA GLY A 45 18.34 -4.84 -3.46
C GLY A 45 16.90 -5.33 -3.52
N ILE A 46 16.05 -4.45 -4.00
CA ILE A 46 14.56 -4.86 -4.11
C ILE A 46 14.34 -5.59 -5.44
N GLN A 47 13.67 -6.73 -5.40
CA GLN A 47 13.08 -7.31 -6.59
C GLN A 47 11.58 -7.13 -6.45
N VAL A 48 10.96 -6.55 -7.47
CA VAL A 48 9.51 -6.34 -7.55
C VAL A 48 8.88 -7.62 -8.13
N ARG A 49 7.90 -8.18 -7.45
CA ARG A 49 7.21 -9.36 -7.92
C ARG A 49 5.77 -9.02 -8.21
N LEU A 50 5.47 -9.03 -9.52
N LEU A 50 5.47 -9.11 -9.51
CA LEU A 50 4.16 -8.74 -10.12
CA LEU A 50 4.16 -8.76 -10.09
C LEU A 50 3.45 -10.04 -10.36
C LEU A 50 3.50 -10.04 -10.42
N GLY A 51 2.10 -10.00 -10.49
CA GLY A 51 1.35 -11.20 -10.91
C GLY A 51 1.33 -12.26 -9.82
N GLU A 52 1.59 -11.91 -8.56
CA GLU A 52 1.60 -12.88 -7.48
C GLU A 52 0.23 -13.19 -6.95
N ASP A 53 0.02 -14.44 -6.59
CA ASP A 53 -1.02 -14.80 -5.61
C ASP A 53 -0.35 -15.50 -4.46
N ASN A 54 0.00 -16.79 -4.56
CA ASN A 54 0.75 -17.48 -3.53
C ASN A 54 2.20 -17.02 -3.68
N ILE A 55 2.73 -16.27 -2.72
CA ILE A 55 4.10 -15.76 -2.82
C ILE A 55 5.18 -16.83 -2.55
N ASN A 56 4.75 -18.02 -2.16
CA ASN A 56 5.68 -19.17 -1.95
C ASN A 56 5.65 -20.18 -3.04
N VAL A 57 4.84 -20.02 -4.07
CA VAL A 57 4.70 -21.01 -5.15
C VAL A 57 4.71 -20.31 -6.46
N VAL A 58 5.49 -20.80 -7.42
CA VAL A 58 5.45 -20.22 -8.78
C VAL A 58 4.23 -20.75 -9.49
N GLU A 59 3.23 -19.96 -9.73
CA GLU A 59 1.91 -20.38 -10.28
C GLU A 59 1.72 -20.03 -11.72
N GLY A 60 2.53 -19.22 -12.31
CA GLY A 60 2.52 -19.09 -13.77
C GLY A 60 2.22 -17.74 -14.29
N ASN A 61 1.83 -16.76 -13.42
CA ASN A 61 1.53 -15.39 -13.91
C ASN A 61 2.53 -14.38 -13.41
N GLU A 62 3.53 -14.80 -12.68
CA GLU A 62 4.46 -13.82 -12.09
C GLU A 62 5.33 -13.13 -13.09
N GLN A 63 5.76 -11.93 -12.81
CA GLN A 63 6.93 -11.29 -13.47
C GLN A 63 7.81 -10.78 -12.37
N PHE A 64 9.07 -11.14 -12.35
CA PHE A 64 10.04 -10.68 -11.33
C PHE A 64 10.97 -9.73 -11.98
N ILE A 65 11.02 -8.47 -11.53
CA ILE A 65 11.86 -7.41 -12.18
C ILE A 65 12.57 -6.65 -11.05
N SER A 66 13.90 -6.57 -11.16
CA SER A 66 14.64 -5.86 -10.18
C SER A 66 14.46 -4.35 -10.27
N ALA A 67 14.55 -3.66 -9.15
CA ALA A 67 14.54 -2.17 -9.14
C ALA A 67 15.82 -1.63 -9.69
N SER A 68 15.73 -0.61 -10.53
N SER A 68 15.69 -0.60 -10.52
CA SER A 68 16.91 0.20 -10.94
CA SER A 68 16.81 0.21 -10.98
C SER A 68 17.16 1.40 -10.08
C SER A 68 17.14 1.34 -10.01
N LYS A 69 16.11 1.97 -9.44
CA LYS A 69 16.26 3.25 -8.68
C LYS A 69 15.09 3.27 -7.73
N SER A 70 15.37 3.75 -6.53
N SER A 70 15.29 3.63 -6.47
CA SER A 70 14.32 4.02 -5.52
CA SER A 70 14.09 4.04 -5.70
C SER A 70 14.41 5.55 -5.22
C SER A 70 14.35 5.45 -5.23
N ILE A 71 13.23 6.19 -5.07
CA ILE A 71 13.19 7.63 -4.71
C ILE A 71 12.25 7.75 -3.54
N VAL A 72 12.80 7.94 -2.36
CA VAL A 72 12.05 8.28 -1.15
C VAL A 72 11.58 9.76 -1.28
N HIS A 73 10.36 10.02 -0.77
CA HIS A 73 9.86 11.40 -0.85
C HIS A 73 10.88 12.34 -0.25
N PRO A 74 11.05 13.52 -0.81
CA PRO A 74 12.04 14.49 -0.27
C PRO A 74 11.78 14.89 1.16
N SER A 75 10.54 14.86 1.62
CA SER A 75 10.20 15.31 2.97
C SER A 75 9.84 14.20 3.90
N TYR A 76 10.14 12.96 3.53
CA TYR A 76 9.83 11.83 4.45
C TYR A 76 10.55 12.04 5.79
N ASN A 77 9.76 11.86 6.88
CA ASN A 77 10.34 11.85 8.25
C ASN A 77 10.05 10.48 8.85
N SER A 78 11.10 9.73 9.15
CA SER A 78 10.97 8.34 9.63
C SER A 78 10.49 8.22 11.08
N ASN A 79 10.58 9.36 11.82
CA ASN A 79 10.08 9.37 13.22
C ASN A 79 8.60 9.55 13.25
N THR A 80 8.02 10.46 12.46
CA THR A 80 6.57 10.75 12.46
C THR A 80 5.83 9.97 11.38
N LEU A 81 6.57 9.44 10.41
CA LEU A 81 6.00 8.83 9.20
C LEU A 81 5.28 9.82 8.34
N ASN A 82 5.50 11.12 8.52
CA ASN A 82 4.95 12.09 7.61
C ASN A 82 5.60 11.94 6.21
N ASN A 83 4.72 11.96 5.17
CA ASN A 83 5.21 11.77 3.76
C ASN A 83 5.78 10.35 3.53
N ASP A 84 5.01 9.36 3.99
CA ASP A 84 5.47 7.97 3.90
C ASP A 84 5.13 7.41 2.52
N ILE A 85 5.97 7.77 1.55
CA ILE A 85 5.76 7.39 0.12
C ILE A 85 7.12 7.33 -0.54
N MET A 86 7.28 6.37 -1.44
N MET A 86 7.24 6.38 -1.45
CA MET A 86 8.47 6.29 -2.29
CA MET A 86 8.45 6.17 -2.23
C MET A 86 8.00 5.71 -3.61
C MET A 86 8.06 5.59 -3.60
N LEU A 87 8.87 5.98 -4.60
CA LEU A 87 8.72 5.45 -5.99
C LEU A 87 9.86 4.50 -6.26
N ILE A 88 9.56 3.44 -7.01
N ILE A 88 9.57 3.43 -7.01
CA ILE A 88 10.57 2.46 -7.37
CA ILE A 88 10.53 2.38 -7.38
C ILE A 88 10.44 2.31 -8.90
C ILE A 88 10.46 2.20 -8.88
N LYS A 89 11.56 2.48 -9.58
CA LYS A 89 11.59 2.23 -11.05
C LYS A 89 12.12 0.82 -11.31
N LEU A 90 11.49 0.14 -12.24
CA LEU A 90 11.90 -1.22 -12.65
C LEU A 90 12.99 -1.20 -13.68
N LYS A 91 13.90 -2.15 -13.65
CA LYS A 91 15.00 -2.18 -14.66
CA LYS A 91 14.96 -2.25 -14.65
C LYS A 91 14.44 -2.46 -16.07
N SER A 92 13.32 -3.08 -16.18
CA SER A 92 12.71 -3.33 -17.53
C SER A 92 11.23 -3.11 -17.33
N ALA A 93 10.47 -2.86 -18.41
CA ALA A 93 9.08 -2.57 -18.34
C ALA A 93 8.31 -3.88 -18.05
N ALA A 94 7.35 -3.88 -17.21
CA ALA A 94 6.43 -5.01 -17.02
C ALA A 94 5.62 -5.19 -18.26
N SER A 95 5.27 -6.44 -18.55
N SER A 95 5.19 -6.40 -18.54
CA SER A 95 4.22 -6.84 -19.59
CA SER A 95 4.30 -6.62 -19.72
C SER A 95 2.85 -6.64 -18.98
C SER A 95 2.90 -6.67 -19.17
N LEU A 96 2.11 -5.65 -19.43
CA LEU A 96 0.81 -5.45 -18.88
C LEU A 96 -0.22 -6.34 -19.50
N ASN A 97 -1.13 -6.89 -18.71
CA ASN A 97 -2.13 -7.85 -19.13
C ASN A 97 -3.25 -7.84 -18.10
N SER A 98 -4.22 -8.71 -18.20
CA SER A 98 -5.31 -8.69 -17.33
C SER A 98 -4.95 -8.97 -15.84
N ARG A 99 -3.83 -9.64 -15.61
N ARG A 99 -3.83 -9.64 -15.61
CA ARG A 99 -3.39 -10.04 -14.27
CA ARG A 99 -3.38 -10.04 -14.27
C ARG A 99 -2.29 -9.16 -13.74
C ARG A 99 -2.29 -9.16 -13.74
N VAL A 100 -1.68 -8.30 -14.59
CA VAL A 100 -0.62 -7.40 -14.16
C VAL A 100 -0.95 -6.09 -14.79
N ALA A 101 -1.45 -5.15 -14.04
CA ALA A 101 -2.09 -3.92 -14.59
C ALA A 101 -1.81 -2.76 -13.66
N SER A 102 -1.69 -1.59 -14.22
N SER A 102 -1.69 -1.57 -14.22
CA SER A 102 -1.48 -0.41 -13.37
CA SER A 102 -1.53 -0.32 -13.44
C SER A 102 -2.81 0.08 -12.78
C SER A 102 -2.83 -0.01 -12.73
N ILE A 103 -2.71 0.78 -11.66
CA ILE A 103 -3.86 1.40 -11.02
C ILE A 103 -3.74 2.90 -11.25
N SER A 104 -4.86 3.51 -11.62
N SER A 104 -4.89 3.49 -11.58
CA SER A 104 -4.91 4.95 -11.83
CA SER A 104 -5.07 4.92 -11.76
C SER A 104 -4.66 5.75 -10.53
C SER A 104 -4.70 5.74 -10.52
N LEU A 105 -3.98 6.86 -10.68
CA LEU A 105 -3.83 7.84 -9.64
C LEU A 105 -5.07 8.69 -9.47
N PRO A 106 -5.35 9.17 -8.30
CA PRO A 106 -6.52 10.02 -8.14
C PRO A 106 -6.35 11.38 -8.86
N THR A 107 -7.49 11.96 -9.17
CA THR A 107 -7.50 13.32 -9.65
C THR A 107 -8.05 14.23 -8.66
N SER A 108 -8.71 13.80 -7.53
CA SER A 108 -9.05 14.60 -6.31
C SER A 108 -9.01 13.61 -5.11
N CYS A 109 -8.90 14.23 -3.96
CA CYS A 109 -8.89 13.40 -2.72
C CYS A 109 -10.25 12.71 -2.50
N ALA A 110 -10.33 11.56 -1.87
CA ALA A 110 -11.54 10.87 -1.50
C ALA A 110 -12.05 11.40 -0.18
N SER A 111 -13.34 11.18 0.06
CA SER A 111 -14.04 11.66 1.25
C SER A 111 -14.20 10.51 2.27
N ALA A 112 -14.31 10.92 3.53
CA ALA A 112 -14.74 9.98 4.54
C ALA A 112 -16.04 9.30 4.11
N GLY A 113 -16.14 8.05 4.39
CA GLY A 113 -17.25 7.18 4.07
C GLY A 113 -17.07 6.46 2.78
N THR A 114 -16.13 6.86 1.93
N THR A 114 -16.17 6.79 1.92
CA THR A 114 -15.85 6.20 0.62
CA THR A 114 -16.10 6.00 0.71
C THR A 114 -15.34 4.78 0.95
C THR A 114 -15.50 4.62 1.05
N GLN A 115 -15.81 3.83 0.16
N GLN A 115 -16.01 3.58 0.43
N GLN A 115 -15.78 3.84 0.20
CA GLN A 115 -15.41 2.44 0.36
CA GLN A 115 -15.43 2.24 0.50
CA GLN A 115 -15.41 2.45 0.39
C GLN A 115 -14.09 2.20 -0.38
C GLN A 115 -14.19 2.08 -0.36
C GLN A 115 -14.12 2.17 -0.39
N CYS A 116 -13.21 1.42 0.24
CA CYS A 116 -11.92 1.11 -0.43
C CYS A 116 -11.59 -0.37 -0.27
N LEU A 117 -10.67 -0.83 -1.10
CA LEU A 117 -10.10 -2.17 -1.06
C LEU A 117 -8.67 -2.06 -0.61
N ILE A 118 -8.35 -2.73 0.49
CA ILE A 118 -6.99 -2.77 1.07
C ILE A 118 -6.49 -4.19 0.92
N SER A 119 -5.26 -4.40 0.50
CA SER A 119 -4.83 -5.77 0.24
C SER A 119 -3.39 -5.96 0.62
N GLY A 120 -2.99 -7.22 0.87
CA GLY A 120 -1.61 -7.53 1.18
C GLY A 120 -1.41 -8.93 1.73
N TRP A 121 -0.12 -9.21 1.96
CA TRP A 121 0.34 -10.52 2.48
C TRP A 121 0.79 -10.35 3.91
N GLY A 122 0.33 -9.36 4.65
CA GLY A 122 0.72 -9.15 6.03
C GLY A 122 -0.01 -10.07 7.00
N ASN A 123 0.37 -9.91 8.25
CA ASN A 123 -0.17 -10.77 9.36
C ASN A 123 -1.68 -10.75 9.37
N THR A 124 -2.27 -11.91 9.56
CA THR A 124 -3.73 -12.07 9.61
C THR A 124 -4.23 -12.20 11.08
N LYS A 125 -3.38 -12.08 12.10
N LYS A 125 -3.34 -12.10 12.07
CA LYS A 125 -3.94 -12.17 13.49
CA LYS A 125 -3.74 -12.14 13.50
C LYS A 125 -3.69 -10.88 14.23
C LYS A 125 -3.74 -10.77 14.16
N SER A 126 -4.68 -10.46 15.07
CA SER A 126 -4.59 -9.17 15.88
C SER A 126 -3.87 -9.38 17.21
N SER A 127 -3.77 -10.63 17.60
CA SER A 127 -2.99 -11.14 18.72
C SER A 127 -2.19 -12.33 18.15
N GLY A 128 -0.89 -12.39 18.34
CA GLY A 128 -0.27 -13.50 17.65
C GLY A 128 0.09 -13.19 16.24
N THR A 129 0.72 -14.15 15.58
N THR A 129 0.46 -14.27 15.54
CA THR A 129 1.18 -13.95 14.19
CA THR A 129 1.26 -14.17 14.31
C THR A 129 0.89 -15.15 13.37
C THR A 129 0.98 -15.28 13.32
N SER A 130 0.48 -14.90 12.11
CA SER A 130 0.28 -15.94 11.09
C SER A 130 0.32 -15.21 9.74
N TYR A 131 1.22 -15.60 8.88
CA TYR A 131 1.44 -14.92 7.61
C TYR A 131 0.86 -15.77 6.54
N PRO A 132 0.01 -15.22 5.67
CA PRO A 132 -0.61 -15.98 4.63
C PRO A 132 0.32 -16.17 3.38
N ASP A 133 0.03 -17.18 2.63
N ASP A 133 -0.01 -17.14 2.57
CA ASP A 133 0.67 -17.37 1.33
CA ASP A 133 0.73 -17.28 1.36
C ASP A 133 -0.03 -16.54 0.22
C ASP A 133 -0.01 -16.65 0.18
N VAL A 134 -1.35 -16.56 0.20
N VAL A 134 -1.32 -16.62 0.26
CA VAL A 134 -2.10 -15.96 -0.83
CA VAL A 134 -2.09 -16.03 -0.77
C VAL A 134 -2.55 -14.57 -0.40
C VAL A 134 -2.58 -14.60 -0.40
N LEU A 135 -2.92 -13.79 -1.42
CA LEU A 135 -3.26 -12.36 -1.15
C LEU A 135 -4.54 -12.20 -0.40
N LYS A 136 -4.56 -11.37 0.63
N LYS A 136 -4.56 -11.40 0.65
CA LYS A 136 -5.79 -11.09 1.40
CA LYS A 136 -5.81 -11.13 1.40
C LYS A 136 -6.28 -9.70 1.10
C LYS A 136 -6.28 -9.73 1.11
N CYS A 137 -7.59 -9.55 1.26
CA CYS A 137 -8.31 -8.31 0.90
C CYS A 137 -9.22 -7.92 2.03
N LEU A 138 -9.50 -6.63 2.12
CA LEU A 138 -10.43 -6.07 3.08
C LEU A 138 -11.13 -4.88 2.46
N LYS A 139 -12.47 -4.87 2.51
CA LYS A 139 -13.23 -3.65 2.12
C LYS A 139 -13.39 -2.82 3.40
N ALA A 140 -13.05 -1.53 3.34
CA ALA A 140 -13.04 -0.69 4.54
C ALA A 140 -13.34 0.74 4.09
N PRO A 141 -14.07 1.48 4.93
CA PRO A 141 -14.36 2.89 4.61
C PRO A 141 -13.25 3.83 5.12
N ILE A 142 -13.10 4.92 4.41
CA ILE A 142 -12.30 6.02 4.96
C ILE A 142 -12.99 6.61 6.13
N LEU A 143 -12.32 6.89 7.21
CA LEU A 143 -12.90 7.50 8.42
C LEU A 143 -12.68 8.98 8.39
N SER A 144 -13.56 9.75 9.08
CA SER A 144 -13.41 11.19 9.16
C SER A 144 -12.04 11.57 9.74
N ASP A 145 -11.52 12.69 9.27
CA ASP A 145 -10.32 13.34 9.81
CA ASP A 145 -10.28 13.15 9.85
C ASP A 145 -10.42 13.50 11.32
N SER A 146 -11.60 13.98 11.76
CA SER A 146 -11.77 14.22 13.17
C SER A 146 -11.69 12.95 14.01
N SER A 147 -12.33 11.87 13.55
N SER A 147 -12.34 11.87 13.51
CA SER A 147 -12.20 10.64 14.33
CA SER A 147 -12.26 10.58 14.19
C SER A 147 -10.80 9.99 14.23
C SER A 147 -10.79 10.08 14.22
N CYS A 148 -10.11 10.24 13.09
CA CYS A 148 -8.71 9.78 12.99
C CYS A 148 -7.83 10.51 13.98
N LYS A 149 -7.97 11.84 14.04
N LYS A 149 -7.93 11.85 14.03
CA LYS A 149 -7.18 12.64 14.98
CA LYS A 149 -7.15 12.65 14.98
C LYS A 149 -7.44 12.30 16.42
C LYS A 149 -7.58 12.31 16.42
N SER A 150 -8.68 12.01 16.77
N SER A 150 -8.86 12.01 16.63
CA SER A 150 -9.04 11.69 18.18
CA SER A 150 -9.32 11.68 17.96
C SER A 150 -8.56 10.26 18.51
C SER A 150 -8.58 10.42 18.42
N ALA A 151 -8.49 9.41 17.51
CA ALA A 151 -7.94 8.10 17.79
C ALA A 151 -6.44 8.18 18.04
N TYR A 152 -5.73 9.10 17.39
CA TYR A 152 -4.25 9.22 17.52
C TYR A 152 -3.86 10.68 17.73
N PRO A 153 -4.15 11.17 18.98
CA PRO A 153 -3.80 12.54 19.29
C PRO A 153 -2.33 12.86 18.98
N GLY A 154 -2.19 14.01 18.31
N GLY A 154 -2.06 13.99 18.34
CA GLY A 154 -0.89 14.62 18.07
CA GLY A 154 -0.67 14.41 18.17
C GLY A 154 -0.20 13.98 16.90
C GLY A 154 0.05 13.73 17.03
N GLN A 155 -0.75 12.92 16.24
N GLN A 155 -0.64 12.85 16.25
CA GLN A 155 0.06 12.15 15.25
CA GLN A 155 0.09 12.07 15.26
C GLN A 155 -0.42 12.15 13.81
C GLN A 155 -0.40 12.19 13.80
N ILE A 156 -1.60 12.64 13.58
CA ILE A 156 -2.17 12.55 12.22
C ILE A 156 -1.90 13.86 11.53
N THR A 157 -1.16 13.88 10.42
CA THR A 157 -0.92 15.04 9.59
C THR A 157 -1.87 15.12 8.45
N SER A 158 -1.81 16.25 7.72
CA SER A 158 -2.61 16.39 6.53
C SER A 158 -2.24 15.44 5.41
N ASN A 159 -1.14 14.68 5.56
CA ASN A 159 -0.74 13.67 4.56
C ASN A 159 -1.13 12.25 5.00
N MET A 160 -2.05 12.14 5.92
CA MET A 160 -2.50 10.85 6.40
C MET A 160 -4.00 10.78 6.49
N PHE A 161 -4.59 9.63 6.33
CA PHE A 161 -6.00 9.38 6.67
C PHE A 161 -6.14 8.06 7.33
N CYS A 162 -7.22 7.90 8.09
CA CYS A 162 -7.57 6.62 8.68
C CYS A 162 -8.58 5.92 7.86
N ALA A 163 -8.53 4.60 7.87
CA ALA A 163 -9.62 3.82 7.22
C ALA A 163 -9.74 2.57 8.08
N GLY A 164 -10.98 1.99 8.05
CA GLY A 164 -11.24 0.72 8.78
C GLY A 164 -12.40 0.89 9.71
N TYR A 165 -12.26 0.40 10.88
CA TYR A 165 -13.44 0.14 11.81
C TYR A 165 -13.04 0.44 13.17
N LEU A 166 -13.61 1.45 13.77
CA LEU A 166 -13.26 1.81 15.17
C LEU A 166 -13.56 0.71 16.17
N GLU A 167 -14.47 -0.19 15.84
N GLU A 167 -14.45 -0.22 15.85
CA GLU A 167 -14.74 -1.35 16.69
CA GLU A 167 -14.68 -1.35 16.74
C GLU A 167 -13.60 -2.37 16.68
C GLU A 167 -13.62 -2.42 16.68
N GLY A 168 -12.69 -2.23 15.75
N GLY A 168 -12.70 -2.31 15.77
CA GLY A 168 -11.58 -3.22 15.58
CA GLY A 168 -11.58 -3.27 15.66
C GLY A 168 -12.09 -4.53 14.97
C GLY A 168 -11.97 -4.40 14.76
N GLY A 169 -11.17 -5.44 14.80
CA GLY A 169 -11.48 -6.71 14.15
C GLY A 169 -11.00 -6.80 12.72
N LYS A 170 -10.96 -5.70 11.97
N LYS A 170 -11.00 -5.65 11.99
CA LYS A 170 -10.70 -5.76 10.50
CA LYS A 170 -10.71 -5.63 10.55
C LYS A 170 -9.76 -4.60 10.19
C LYS A 170 -9.67 -4.55 10.29
N ASP A 171 -8.50 -4.90 9.76
CA ASP A 171 -7.45 -3.87 9.61
C ASP A 171 -6.33 -4.38 8.74
N SER A 172 -5.45 -3.50 8.31
CA SER A 172 -4.15 -3.89 7.75
C SER A 172 -3.20 -4.23 8.87
N CYS A 173 -2.06 -4.83 8.58
CA CYS A 173 -1.14 -5.22 9.63
C CYS A 173 0.27 -5.31 9.10
N GLN A 174 1.22 -5.74 9.95
CA GLN A 174 2.62 -5.86 9.62
C GLN A 174 2.81 -6.70 8.36
N GLY A 175 3.54 -6.19 7.38
CA GLY A 175 3.75 -6.90 6.12
C GLY A 175 2.84 -6.40 5.02
N ASP A 176 1.76 -5.70 5.36
CA ASP A 176 0.89 -5.03 4.39
C ASP A 176 1.47 -3.70 3.95
N SER A 177 2.37 -3.15 4.75
N SER A 177 2.37 -3.13 4.74
CA SER A 177 2.94 -1.77 4.52
CA SER A 177 2.77 -1.74 4.49
C SER A 177 3.39 -1.58 3.09
C SER A 177 3.33 -1.58 3.10
N GLY A 178 3.07 -0.41 2.58
CA GLY A 178 3.47 -0.04 1.22
C GLY A 178 2.43 -0.43 0.18
N GLY A 179 1.47 -1.29 0.55
CA GLY A 179 0.43 -1.74 -0.39
C GLY A 179 -0.68 -0.73 -0.56
N PRO A 180 -1.62 -1.12 -1.46
CA PRO A 180 -2.68 -0.19 -1.93
C PRO A 180 -3.88 -0.12 -1.05
N VAL A 181 -4.47 1.10 -1.13
CA VAL A 181 -5.88 1.37 -0.72
C VAL A 181 -6.51 2.00 -1.94
N VAL A 182 -7.39 1.21 -2.60
CA VAL A 182 -8.00 1.67 -3.86
C VAL A 182 -9.47 1.91 -3.57
N CYS A 183 -9.94 3.08 -4.06
CA CYS A 183 -11.30 3.55 -3.71
C CYS A 183 -11.88 4.02 -5.01
N SER A 184 -12.96 3.38 -5.49
CA SER A 184 -13.63 3.76 -6.76
C SER A 184 -12.55 3.77 -7.85
N GLY A 185 -11.67 2.77 -7.91
CA GLY A 185 -10.78 2.58 -8.99
C GLY A 185 -9.58 3.52 -9.01
N LYS A 186 -9.32 4.20 -7.92
CA LYS A 186 -8.15 5.10 -7.83
C LYS A 186 -7.34 4.70 -6.59
N LEU A 187 -6.03 4.88 -6.75
CA LEU A 187 -5.11 4.63 -5.61
C LEU A 187 -5.15 5.81 -4.66
N GLN A 188 -5.91 5.75 -3.60
CA GLN A 188 -6.03 6.85 -2.66
C GLN A 188 -5.10 6.75 -1.44
N GLY A 189 -4.68 5.50 -1.11
CA GLY A 189 -3.79 5.38 0.07
C GLY A 189 -2.75 4.36 -0.11
N ILE A 190 -1.74 4.46 0.77
CA ILE A 190 -0.67 3.48 0.91
C ILE A 190 -0.70 3.06 2.35
N VAL A 191 -0.62 1.72 2.59
CA VAL A 191 -0.60 1.20 3.93
C VAL A 191 0.61 1.73 4.67
N SER A 192 0.41 2.47 5.76
CA SER A 192 1.54 3.20 6.41
C SER A 192 1.77 2.71 7.87
N TRP A 193 0.82 2.92 8.79
CA TRP A 193 1.12 2.52 10.21
C TRP A 193 -0.15 2.42 10.95
N GLY A 194 0.00 1.98 12.22
CA GLY A 194 -1.09 1.99 13.20
C GLY A 194 -0.59 1.50 14.51
N SER A 195 -1.36 1.57 15.54
N SER A 195 -1.39 1.61 15.54
CA SER A 195 -0.93 0.94 16.83
CA SER A 195 -1.05 1.04 16.88
C SER A 195 -1.44 -0.49 16.93
C SER A 195 -1.60 -0.32 16.95
N GLY A 196 -0.60 -1.39 16.80
CA GLY A 196 -1.08 -2.75 16.64
C GLY A 196 -2.00 -2.90 15.41
N CYS A 197 -2.79 -3.92 15.43
CA CYS A 197 -3.67 -4.24 14.30
C CYS A 197 -5.00 -4.60 14.77
N ALA A 198 -6.10 -4.06 14.23
CA ALA A 198 -7.44 -4.48 14.46
C ALA A 198 -7.88 -4.23 15.93
N GLN A 199 -7.18 -3.36 16.62
CA GLN A 199 -7.61 -2.96 17.99
C GLN A 199 -8.69 -1.93 17.98
N LYS A 200 -9.51 -1.94 19.03
CA LYS A 200 -10.56 -0.95 19.19
C LYS A 200 -9.90 0.41 19.25
N ASN A 201 -10.58 1.33 18.52
CA ASN A 201 -10.18 2.74 18.48
C ASN A 201 -8.78 3.06 17.93
N LYS A 202 -8.20 2.06 17.24
CA LYS A 202 -6.86 2.21 16.62
C LYS A 202 -6.92 1.71 15.16
N PRO A 203 -7.61 2.50 14.32
CA PRO A 203 -7.70 2.07 12.88
C PRO A 203 -6.37 2.22 12.18
N GLY A 204 -6.29 1.64 11.02
CA GLY A 204 -5.09 1.83 10.19
C GLY A 204 -4.98 3.27 9.72
N VAL A 205 -3.70 3.64 9.52
CA VAL A 205 -3.33 5.01 9.01
C VAL A 205 -2.60 4.80 7.69
N TYR A 206 -2.97 5.64 6.72
CA TYR A 206 -2.63 5.51 5.32
C TYR A 206 -2.09 6.80 4.77
N THR A 207 -1.09 6.71 3.92
CA THR A 207 -0.50 7.90 3.24
C THR A 207 -1.57 8.39 2.25
N LYS A 208 -1.80 9.71 2.26
CA LYS A 208 -2.86 10.33 1.46
C LYS A 208 -2.37 10.66 0.04
N VAL A 209 -2.47 9.69 -0.87
CA VAL A 209 -1.83 9.71 -2.17
C VAL A 209 -2.19 10.95 -2.96
N CYS A 210 -3.45 11.44 -2.83
CA CYS A 210 -3.89 12.60 -3.68
C CYS A 210 -3.00 13.75 -3.41
N ASN A 211 -2.32 13.86 -2.28
CA ASN A 211 -1.41 15.01 -2.05
C ASN A 211 -0.14 14.94 -2.87
N TYR A 212 0.17 13.80 -3.44
CA TYR A 212 1.48 13.48 -4.05
C TYR A 212 1.45 13.31 -5.55
N VAL A 213 0.30 13.47 -6.21
N VAL A 213 0.29 13.42 -6.17
CA VAL A 213 0.20 13.16 -7.59
CA VAL A 213 0.23 13.12 -7.56
C VAL A 213 1.14 14.08 -8.43
C VAL A 213 1.11 14.11 -8.40
N SER A 214 1.20 15.35 -8.18
N SER A 214 1.20 15.42 -8.05
N SER A 214 1.14 15.32 -8.03
CA SER A 214 2.09 16.11 -9.07
CA SER A 214 2.12 16.33 -8.81
CA SER A 214 2.02 16.19 -8.81
C SER A 214 3.59 15.77 -8.76
C SER A 214 3.56 15.79 -8.75
C SER A 214 3.50 15.69 -8.76
N TRP A 215 4.00 15.43 -7.54
CA TRP A 215 5.36 14.92 -7.35
C TRP A 215 5.54 13.60 -8.10
N ILE A 216 4.59 12.66 -8.03
CA ILE A 216 4.77 11.40 -8.71
C ILE A 216 4.89 11.65 -10.24
N LYS A 217 4.01 12.50 -10.77
N LYS A 217 3.97 12.41 -10.80
CA LYS A 217 4.07 12.71 -12.24
CA LYS A 217 4.06 12.61 -12.26
C LYS A 217 5.36 13.38 -12.66
C LYS A 217 5.34 13.34 -12.65
N GLN A 218 5.78 14.38 -11.95
CA GLN A 218 6.99 15.09 -12.38
C GLN A 218 8.18 14.18 -12.19
N THR A 219 8.23 13.39 -11.11
CA THR A 219 9.33 12.44 -10.91
C THR A 219 9.42 11.47 -12.03
N ILE A 220 8.30 10.85 -12.40
CA ILE A 220 8.31 9.87 -13.52
C ILE A 220 8.77 10.60 -14.77
N ALA A 221 8.32 11.81 -15.05
CA ALA A 221 8.63 12.52 -16.29
C ALA A 221 10.10 12.77 -16.48
N SER A 222 10.94 12.80 -15.41
N SER A 222 10.94 12.79 -15.44
CA SER A 222 12.32 13.15 -15.47
CA SER A 222 12.38 13.05 -15.66
C SER A 222 13.22 12.04 -15.05
C SER A 222 13.26 11.99 -15.10
N ASN A 223 12.72 10.82 -14.81
CA ASN A 223 13.53 9.72 -14.34
C ASN A 223 13.24 8.41 -15.15
S SO4 B . -4.00 16.77 17.01
O1 SO4 B . -4.60 16.22 15.79
O2 SO4 B . -4.30 15.88 18.20
O3 SO4 B . -4.46 18.19 17.19
O4 SO4 B . -2.52 16.76 16.75
S SO4 C . 5.70 -2.78 8.85
O1 SO4 C . 4.46 -3.38 8.41
O2 SO4 C . 5.54 -1.53 9.62
O3 SO4 C . 6.43 -2.31 7.61
O4 SO4 C . 6.53 -3.74 9.65
CA CA D . 3.73 -17.05 -6.82
C1 EDO E . 8.77 -15.57 -12.63
O1 EDO E . 9.93 -15.50 -13.50
C2 EDO E . 8.76 -16.94 -11.97
O2 EDO E . 8.79 -18.09 -12.87
C1 EDO F . 9.16 -18.23 -3.75
O1 EDO F . 10.31 -17.53 -4.06
C2 EDO F . 8.40 -18.79 -5.01
O2 EDO F . 8.42 -17.96 -6.08
C1 EDO G . 4.08 7.17 13.24
O1 EDO G . 3.01 7.87 13.69
C2 EDO G . 4.70 6.94 14.58
O2 EDO G . 5.73 6.20 14.06
S DMS H . 13.94 11.96 10.81
O DMS H . 13.83 12.44 9.40
C1 DMS H . 15.04 10.80 11.08
C2 DMS H . 14.46 13.22 11.75
C1 7Z3 I . -2.41 -0.81 10.57
N1 7Z3 I . -3.08 -1.72 11.57
C2 7Z3 I . -0.96 -1.13 10.38
N2 7Z3 I . 2.06 -2.13 12.37
C3 7Z3 I . -0.51 -1.28 9.06
C4 7Z3 I . 0.81 -1.62 8.85
C5 7Z3 I . 1.69 -1.91 9.93
C6 7Z3 I . 1.21 -1.81 11.21
C7 7Z3 I . 3.31 -2.86 12.07
C8 7Z3 I . 3.69 -3.36 13.44
C9 7Z3 I . 2.43 -3.35 14.31
C10 7Z3 I . 1.37 -2.57 13.61
C11 7Z3 I . -0.13 -1.42 11.43
#